data_6B8A
#
_entry.id   6B8A
#
_cell.length_a   110.556
_cell.length_b   121.524
_cell.length_c   112.757
_cell.angle_alpha   90.00
_cell.angle_beta   90.00
_cell.angle_gamma   90.00
#
_symmetry.space_group_name_H-M   'C 2 2 21'
#
loop_
_entity.id
_entity.type
_entity.pdbx_description
1 polymer 'DNA-binding transcriptional regulator'
2 non-polymer 2-[(5-nitro-1H-benzimidazol-2-yl)sulfanyl]-N-(4-phenoxyphenyl)acetamide
3 non-polymer 'COBALT HEXAMMINE(III)'
4 water water
#
_entity_poly.entity_id   1
_entity_poly.type   'polypeptide(L)'
_entity_poly.pdbx_seq_one_letter_code
;TNLRVLLDTAIPPSFCDTVSSVLLDDFNMVSLIRTSPADSLATIKQDNAEIDIAITIDEELKISRFNQCVLGYTKAFVVA
HPQHPLCNASLHSIASLANYRQISLGSRSGQHSNLLRPVSDKVLFVENFDDMLRLVEAGVGWGIAPHYFVEERLRNGTLA
VLSELYEPGGIDTKVYCYYNTALESERSFLRFLESARQRLREL
;
_entity_poly.pdbx_strand_id   A,B
#
# COMPACT_ATOMS: atom_id res chain seq x y z
N THR A 1 -11.80 -27.58 9.65
CA THR A 1 -12.56 -27.90 10.91
C THR A 1 -11.94 -27.17 12.11
N ASN A 2 -10.86 -27.71 12.70
CA ASN A 2 -10.11 -27.02 13.77
C ASN A 2 -9.12 -26.02 13.16
N LEU A 3 -8.91 -24.90 13.85
CA LEU A 3 -8.10 -23.82 13.30
C LEU A 3 -7.20 -23.21 14.36
N ARG A 4 -5.93 -23.01 14.03
CA ARG A 4 -4.98 -22.23 14.82
C ARG A 4 -4.66 -21.00 13.97
N VAL A 5 -5.02 -19.82 14.50
CA VAL A 5 -4.93 -18.56 13.76
C VAL A 5 -3.94 -17.62 14.45
N LEU A 6 -3.11 -16.96 13.66
CA LEU A 6 -2.20 -15.92 14.15
C LEU A 6 -2.78 -14.57 13.76
N LEU A 7 -2.78 -13.61 14.68
CA LEU A 7 -3.11 -12.19 14.39
C LEU A 7 -2.05 -11.30 15.00
N ASP A 8 -1.44 -10.40 14.22
CA ASP A 8 -0.36 -9.58 14.74
C ASP A 8 -0.88 -8.43 15.60
N THR A 9 0.02 -7.77 16.33
CA THR A 9 -0.37 -6.72 17.27
C THR A 9 -0.68 -5.36 16.62
N ALA A 10 -0.43 -5.21 15.31
CA ALA A 10 -0.86 -4.02 14.57
C ALA A 10 -2.35 -4.06 14.19
N ILE A 11 -2.98 -5.23 14.34
CA ILE A 11 -4.41 -5.38 14.07
C ILE A 11 -5.17 -4.88 15.32
N PRO A 12 -6.04 -3.85 15.17
CA PRO A 12 -6.71 -3.33 16.37
C PRO A 12 -7.76 -4.28 16.97
N PRO A 13 -8.11 -4.11 18.25
CA PRO A 13 -8.99 -5.05 18.95
C PRO A 13 -10.35 -5.31 18.28
N SER A 14 -11.02 -4.25 17.82
CA SER A 14 -12.31 -4.43 17.12
C SER A 14 -12.15 -5.22 15.79
N PHE A 15 -11.03 -5.01 15.10
CA PHE A 15 -10.68 -5.78 13.92
C PHE A 15 -10.41 -7.26 14.33
N CYS A 16 -9.60 -7.47 15.38
CA CYS A 16 -9.36 -8.83 15.91
C CYS A 16 -10.64 -9.53 16.33
N ASP A 17 -11.45 -8.83 17.14
CA ASP A 17 -12.68 -9.41 17.70
C ASP A 17 -13.70 -9.73 16.61
N THR A 18 -13.73 -8.95 15.53
CA THR A 18 -14.64 -9.21 14.41
C THR A 18 -14.20 -10.48 13.68
N VAL A 19 -12.90 -10.59 13.43
CA VAL A 19 -12.35 -11.78 12.81
C VAL A 19 -12.57 -13.04 13.67
N SER A 20 -12.34 -12.92 14.98
CA SER A 20 -12.63 -13.99 15.95
C SER A 20 -14.06 -14.44 15.87
N SER A 21 -14.96 -13.47 15.76
CA SER A 21 -16.39 -13.75 15.79
C SER A 21 -16.81 -14.67 14.63
N VAL A 22 -16.38 -14.32 13.42
CA VAL A 22 -16.73 -15.05 12.20
C VAL A 22 -16.10 -16.45 12.17
N LEU A 23 -14.83 -16.55 12.56
CA LEU A 23 -14.15 -17.85 12.63
C LEU A 23 -14.87 -18.84 13.56
N LEU A 24 -15.26 -18.37 14.74
CA LEU A 24 -16.02 -19.21 15.68
C LEU A 24 -17.41 -19.58 15.17
N ASP A 25 -17.95 -18.78 14.25
CA ASP A 25 -19.25 -19.05 13.62
C ASP A 25 -19.14 -20.11 12.49
N ASP A 26 -18.02 -20.13 11.77
CA ASP A 26 -17.83 -21.00 10.59
C ASP A 26 -17.01 -22.27 10.87
N PHE A 27 -16.12 -22.21 11.85
CA PHE A 27 -15.37 -23.37 12.32
C PHE A 27 -15.74 -23.71 13.76
N ASN A 28 -15.51 -24.95 14.15
CA ASN A 28 -15.53 -25.34 15.56
C ASN A 28 -14.09 -25.52 16.01
N MET A 29 -13.76 -25.00 17.19
CA MET A 29 -12.43 -25.11 17.79
C MET A 29 -11.46 -24.16 17.08
N VAL A 30 -11.29 -22.97 17.66
CA VAL A 30 -10.34 -21.97 17.17
C VAL A 30 -9.30 -21.67 18.27
N SER A 31 -8.06 -21.43 17.87
CA SER A 31 -6.97 -20.99 18.76
C SER A 31 -6.34 -19.72 18.20
N LEU A 32 -5.96 -18.81 19.09
CA LEU A 32 -5.32 -17.56 18.70
C LEU A 32 -3.90 -17.45 19.23
N ILE A 33 -3.05 -16.79 18.42
CA ILE A 33 -1.66 -16.47 18.79
C ILE A 33 -1.37 -15.05 18.36
N ARG A 34 -0.75 -14.26 19.24
CA ARG A 34 -0.40 -12.88 18.95
C ARG A 34 1.12 -12.74 18.82
N THR A 35 1.56 -12.00 17.82
CA THR A 35 2.98 -11.71 17.61
C THR A 35 3.16 -10.29 17.09
N SER A 36 4.38 -9.78 17.21
CA SER A 36 4.78 -8.57 16.49
C SER A 36 4.55 -8.76 14.98
N PRO A 37 4.12 -7.70 14.25
CA PRO A 37 4.13 -7.79 12.79
C PRO A 37 5.48 -8.25 12.21
N ALA A 38 6.59 -7.79 12.78
CA ALA A 38 7.94 -8.18 12.33
C ALA A 38 8.33 -9.65 12.57
N ASP A 39 7.51 -10.41 13.30
CA ASP A 39 7.74 -11.82 13.55
C ASP A 39 6.59 -12.74 13.13
N SER A 40 5.55 -12.19 12.48
CA SER A 40 4.36 -12.98 12.15
C SER A 40 4.61 -14.02 11.06
N LEU A 41 5.19 -13.59 9.94
CA LEU A 41 5.51 -14.49 8.82
C LEU A 41 6.54 -15.57 9.16
N ALA A 42 7.62 -15.19 9.86
CA ALA A 42 8.64 -16.16 10.32
C ALA A 42 8.06 -17.21 11.26
N THR A 43 7.04 -16.84 12.02
CA THR A 43 6.33 -17.78 12.90
C THR A 43 5.59 -18.87 12.09
N ILE A 44 4.70 -18.46 11.19
CA ILE A 44 3.90 -19.43 10.43
C ILE A 44 4.71 -20.35 9.49
N LYS A 45 5.89 -19.90 9.07
CA LYS A 45 6.78 -20.70 8.23
C LYS A 45 7.60 -21.79 8.97
N GLN A 46 7.50 -21.84 10.30
CA GLN A 46 8.11 -22.91 11.10
C GLN A 46 7.45 -24.27 10.87
N ASP A 47 8.21 -25.33 11.14
CA ASP A 47 7.78 -26.72 10.91
C ASP A 47 6.64 -27.10 11.86
N ASN A 48 6.91 -27.14 13.16
CA ASN A 48 5.92 -27.56 14.16
C ASN A 48 4.91 -26.47 14.62
N ALA A 49 4.86 -25.34 13.91
CA ALA A 49 3.95 -24.22 14.29
C ALA A 49 2.47 -24.54 14.03
N GLU A 50 2.17 -25.15 12.89
CA GLU A 50 0.81 -25.65 12.54
C GLU A 50 -0.29 -24.56 12.53
N ILE A 51 0.10 -23.35 12.16
CA ILE A 51 -0.81 -22.21 12.04
C ILE A 51 -1.46 -22.24 10.67
N ASP A 52 -2.80 -22.27 10.64
CA ASP A 52 -3.57 -22.40 9.40
C ASP A 52 -3.82 -21.05 8.72
N ILE A 53 -3.99 -19.99 9.51
CA ILE A 53 -4.29 -18.64 9.00
C ILE A 53 -3.46 -17.57 9.75
N ALA A 54 -3.00 -16.56 9.03
CA ALA A 54 -2.23 -15.45 9.63
C ALA A 54 -2.73 -14.12 9.11
N ILE A 55 -3.19 -13.27 10.02
CA ILE A 55 -3.73 -11.97 9.70
C ILE A 55 -2.77 -10.90 10.19
N THR A 56 -2.10 -10.26 9.25
CA THR A 56 -0.95 -9.44 9.56
C THR A 56 -0.73 -8.36 8.49
N ILE A 57 -0.07 -7.28 8.88
CA ILE A 57 0.30 -6.22 7.95
C ILE A 57 1.57 -6.53 7.17
N ASP A 58 2.32 -7.58 7.53
CA ASP A 58 3.61 -7.83 6.87
C ASP A 58 3.38 -8.44 5.50
N GLU A 59 4.29 -8.13 4.58
CA GLU A 59 4.19 -8.54 3.19
C GLU A 59 5.39 -9.39 2.82
N GLU A 60 5.19 -10.40 1.97
CA GLU A 60 6.30 -11.18 1.42
C GLU A 60 6.24 -11.34 -0.11
N LEU A 61 5.06 -11.69 -0.64
CA LEU A 61 4.90 -12.13 -2.06
C LEU A 61 5.71 -13.42 -2.37
N LYS A 62 4.99 -14.54 -2.55
CA LYS A 62 5.58 -15.86 -2.86
C LYS A 62 6.32 -16.40 -1.62
N ILE A 63 7.36 -17.23 -1.83
CA ILE A 63 8.30 -17.64 -0.76
C ILE A 63 7.65 -18.57 0.30
N SER A 64 6.50 -19.18 -0.02
CA SER A 64 5.72 -19.93 0.96
C SER A 64 4.63 -20.80 0.35
N ARG A 65 4.25 -21.84 1.09
CA ARG A 65 3.08 -22.67 0.79
C ARG A 65 1.72 -21.98 1.10
N PHE A 66 1.76 -20.69 1.45
CA PHE A 66 0.58 -19.94 1.86
C PHE A 66 0.04 -19.07 0.71
N ASN A 67 -1.26 -19.15 0.50
CA ASN A 67 -2.00 -18.18 -0.30
C ASN A 67 -2.13 -16.84 0.42
N GLN A 68 -2.41 -15.78 -0.34
CA GLN A 68 -2.48 -14.40 0.16
C GLN A 68 -3.73 -13.68 -0.34
N CYS A 69 -4.35 -12.89 0.52
CA CYS A 69 -5.39 -11.96 0.10
C CYS A 69 -5.47 -10.80 1.08
N VAL A 70 -6.30 -9.80 0.73
CA VAL A 70 -6.44 -8.56 1.49
C VAL A 70 -7.78 -8.57 2.22
N LEU A 71 -7.72 -8.75 3.54
CA LEU A 71 -8.91 -8.83 4.40
C LEU A 71 -9.47 -7.45 4.75
N GLY A 72 -8.63 -6.44 4.76
CA GLY A 72 -9.03 -5.12 5.21
C GLY A 72 -7.90 -4.12 5.31
N TYR A 73 -8.17 -3.01 5.99
CA TYR A 73 -7.28 -1.87 6.05
C TYR A 73 -7.22 -1.30 7.46
N THR A 74 -6.10 -0.66 7.79
CA THR A 74 -5.80 -0.23 9.13
C THR A 74 -4.89 0.99 9.06
N LYS A 75 -4.93 1.87 10.06
CA LYS A 75 -4.20 3.15 10.02
C LYS A 75 -3.09 3.20 11.07
N ALA A 76 -1.91 3.65 10.66
CA ALA A 76 -0.77 3.85 11.54
C ALA A 76 -0.42 5.33 11.61
N PHE A 77 0.30 5.72 12.66
CA PHE A 77 0.70 7.11 12.86
C PHE A 77 2.18 7.19 13.19
N VAL A 78 2.85 8.21 12.65
CA VAL A 78 4.21 8.54 13.07
C VAL A 78 4.12 9.47 14.26
N VAL A 79 4.79 9.13 15.35
CA VAL A 79 4.63 9.86 16.61
C VAL A 79 5.95 10.22 17.25
N ALA A 80 5.89 11.23 18.12
CA ALA A 80 7.04 11.71 18.83
C ALA A 80 6.59 12.47 20.07
N HIS A 81 7.55 12.74 20.95
CA HIS A 81 7.34 13.59 22.12
C HIS A 81 6.98 15.01 21.62
N PRO A 82 5.98 15.68 22.24
CA PRO A 82 5.53 17.02 21.84
C PRO A 82 6.59 18.12 21.74
N GLN A 83 7.64 18.07 22.56
CA GLN A 83 8.86 18.86 22.29
C GLN A 83 9.56 18.15 21.13
N HIS A 84 10.84 17.78 21.22
CA HIS A 84 11.52 17.08 20.11
C HIS A 84 11.59 17.92 18.81
N PRO A 85 12.80 18.08 18.24
CA PRO A 85 13.00 18.94 17.05
C PRO A 85 11.97 18.82 15.91
N LEU A 86 11.50 17.60 15.63
CA LEU A 86 10.57 17.34 14.53
C LEU A 86 9.19 18.04 14.63
N CYS A 87 8.76 18.35 15.85
CA CYS A 87 7.52 19.10 16.07
C CYS A 87 7.67 20.60 15.85
N ASN A 88 8.80 21.18 16.24
CA ASN A 88 9.02 22.64 16.17
C ASN A 88 9.43 23.12 14.76
N ALA A 89 8.75 22.58 13.75
CA ALA A 89 9.08 22.78 12.33
C ALA A 89 8.13 21.90 11.49
N SER A 90 8.03 22.22 10.20
CA SER A 90 7.31 21.36 9.26
C SER A 90 8.18 20.16 8.86
N LEU A 91 7.54 19.19 8.20
CA LEU A 91 8.17 17.90 7.91
C LEU A 91 7.51 17.29 6.67
N HIS A 92 8.28 17.27 5.59
CA HIS A 92 7.78 16.96 4.25
C HIS A 92 8.33 15.66 3.66
N SER A 93 9.47 15.18 4.16
CA SER A 93 10.16 14.02 3.57
C SER A 93 10.78 13.09 4.61
N ILE A 94 11.14 11.91 4.11
CA ILE A 94 11.94 10.92 4.83
C ILE A 94 13.27 11.50 5.34
N ALA A 95 13.91 12.36 4.55
CA ALA A 95 15.18 12.99 4.92
C ALA A 95 15.15 13.62 6.32
N SER A 96 14.08 14.35 6.63
CA SER A 96 13.87 14.94 7.95
C SER A 96 13.79 13.89 9.07
N LEU A 97 13.02 12.84 8.82
CA LEU A 97 12.92 11.73 9.77
C LEU A 97 14.24 10.98 9.90
N ALA A 98 14.95 10.78 8.79
CA ALA A 98 16.22 10.05 8.80
C ALA A 98 17.37 10.80 9.47
N ASN A 99 17.15 12.06 9.87
CA ASN A 99 18.11 12.80 10.70
C ASN A 99 17.99 12.51 12.19
N TYR A 100 17.07 11.63 12.58
CA TYR A 100 16.80 11.31 13.99
C TYR A 100 16.59 9.82 14.19
N ARG A 101 16.58 9.40 15.45
CA ARG A 101 16.48 7.99 15.80
C ARG A 101 15.08 7.44 15.60
N GLN A 102 14.95 6.42 14.77
CA GLN A 102 13.74 5.65 14.71
C GLN A 102 13.79 4.55 15.78
N ILE A 103 12.66 4.35 16.45
CA ILE A 103 12.47 3.22 17.35
C ILE A 103 11.63 2.20 16.58
N SER A 104 12.30 1.20 16.00
CA SER A 104 11.68 0.22 15.12
C SER A 104 11.48 -1.09 15.84
N LEU A 105 10.44 -1.83 15.46
CA LEU A 105 10.30 -3.22 15.86
C LEU A 105 11.44 -4.03 15.24
N GLY A 106 12.04 -4.90 16.04
CA GLY A 106 13.08 -5.82 15.57
C GLY A 106 12.52 -7.21 15.42
N SER A 107 13.11 -8.00 14.52
CA SER A 107 12.70 -9.38 14.31
C SER A 107 13.73 -10.32 14.92
N ARG A 108 13.25 -11.49 15.34
CA ARG A 108 14.12 -12.54 15.85
C ARG A 108 15.01 -13.15 14.75
N SER A 109 14.49 -13.20 13.52
CA SER A 109 15.23 -13.73 12.36
C SER A 109 16.42 -12.85 11.96
N GLY A 110 16.29 -11.53 12.15
CA GLY A 110 17.31 -10.55 11.76
C GLY A 110 16.91 -9.72 10.55
N GLN A 111 16.17 -10.33 9.62
CA GLN A 111 15.74 -9.67 8.38
C GLN A 111 14.46 -8.85 8.56
N HIS A 112 14.15 -8.03 7.55
CA HIS A 112 12.88 -7.26 7.47
C HIS A 112 12.30 -7.29 6.06
N SER A 113 10.99 -7.16 5.96
CA SER A 113 10.35 -6.94 4.67
C SER A 113 10.56 -5.50 4.23
N ASN A 114 10.21 -5.22 2.98
CA ASN A 114 10.29 -3.86 2.46
C ASN A 114 9.40 -2.90 3.24
N LEU A 115 8.25 -3.41 3.70
CA LEU A 115 7.33 -2.60 4.48
C LEU A 115 7.86 -2.23 5.86
N LEU A 116 8.40 -3.19 6.59
CA LEU A 116 8.76 -2.97 7.99
C LEU A 116 10.21 -2.52 8.23
N ARG A 117 11.03 -2.44 7.19
CA ARG A 117 12.44 -2.04 7.33
C ARG A 117 12.50 -0.58 7.77
N PRO A 118 13.36 -0.24 8.76
CA PRO A 118 13.51 1.16 9.18
C PRO A 118 13.93 2.09 8.04
N VAL A 119 13.45 3.33 8.09
CA VAL A 119 13.78 4.35 7.08
C VAL A 119 15.02 5.18 7.44
N SER A 120 15.22 5.43 8.73
CA SER A 120 16.43 6.13 9.20
C SER A 120 17.61 5.19 9.22
N ASP A 121 18.79 5.76 9.38
CA ASP A 121 20.03 4.98 9.58
C ASP A 121 20.49 5.01 11.05
N LYS A 122 20.03 6.02 11.81
CA LYS A 122 20.08 5.99 13.27
C LYS A 122 18.84 5.23 13.72
N VAL A 123 19.01 4.01 14.19
CA VAL A 123 17.88 3.12 14.53
C VAL A 123 18.12 2.43 15.87
N LEU A 124 17.03 2.09 16.54
CA LEU A 124 17.06 1.40 17.81
C LEU A 124 15.93 0.39 17.84
N PHE A 125 16.27 -0.89 17.99
CA PHE A 125 15.30 -1.99 17.85
C PHE A 125 14.66 -2.40 19.17
N VAL A 126 13.34 -2.57 19.16
CA VAL A 126 12.59 -3.11 20.29
C VAL A 126 11.82 -4.35 19.86
N GLU A 127 11.25 -5.05 20.84
CA GLU A 127 10.53 -6.30 20.58
C GLU A 127 9.00 -6.14 20.53
N ASN A 128 8.48 -4.97 20.88
CA ASN A 128 7.03 -4.71 20.84
C ASN A 128 6.70 -3.22 20.86
N PHE A 129 5.43 -2.90 20.64
CA PHE A 129 4.98 -1.50 20.60
C PHE A 129 4.97 -0.82 21.98
N ASP A 130 4.77 -1.60 23.05
CA ASP A 130 4.75 -1.04 24.42
C ASP A 130 6.11 -0.39 24.67
N ASP A 131 7.17 -1.17 24.44
CA ASP A 131 8.56 -0.71 24.57
C ASP A 131 8.91 0.43 23.62
N MET A 132 8.37 0.39 22.39
CA MET A 132 8.62 1.47 21.43
C MET A 132 8.15 2.80 21.98
N LEU A 133 6.95 2.81 22.52
CA LEU A 133 6.33 4.04 22.97
C LEU A 133 6.83 4.52 24.33
N ARG A 134 7.38 3.60 25.13
CA ARG A 134 8.10 3.96 26.35
C ARG A 134 9.32 4.83 26.03
N LEU A 135 10.08 4.43 25.03
CA LEU A 135 11.21 5.22 24.55
C LEU A 135 10.79 6.52 23.85
N VAL A 136 9.67 6.46 23.11
CA VAL A 136 9.18 7.66 22.39
C VAL A 136 8.64 8.69 23.40
N GLU A 137 7.78 8.24 24.32
CA GLU A 137 7.34 9.05 25.47
C GLU A 137 8.51 9.77 26.16
N ALA A 138 9.58 9.02 26.41
CA ALA A 138 10.75 9.53 27.11
C ALA A 138 11.62 10.48 26.29
N GLY A 139 11.33 10.61 24.99
CA GLY A 139 11.97 11.59 24.12
C GLY A 139 13.14 11.05 23.32
N VAL A 140 13.27 9.74 23.23
CA VAL A 140 14.47 9.11 22.67
C VAL A 140 14.47 9.12 21.14
N GLY A 141 13.31 8.95 20.51
CA GLY A 141 13.22 9.04 19.06
C GLY A 141 11.80 9.24 18.53
N TRP A 142 11.60 8.89 17.27
CA TRP A 142 10.27 8.82 16.68
C TRP A 142 9.95 7.38 16.34
N GLY A 143 8.66 7.08 16.22
CA GLY A 143 8.21 5.73 15.87
C GLY A 143 6.91 5.73 15.10
N ILE A 144 6.62 4.60 14.46
CA ILE A 144 5.37 4.40 13.77
C ILE A 144 4.63 3.27 14.47
N ALA A 145 3.38 3.53 14.82
CA ALA A 145 2.57 2.63 15.63
C ALA A 145 1.11 2.74 15.23
N PRO A 146 0.29 1.71 15.54
CA PRO A 146 -1.14 1.78 15.27
C PRO A 146 -1.87 2.86 16.05
N HIS A 147 -2.98 3.36 15.50
CA HIS A 147 -3.87 4.31 16.18
C HIS A 147 -4.20 3.89 17.61
N TYR A 148 -4.69 2.67 17.78
CA TYR A 148 -5.17 2.24 19.11
C TYR A 148 -4.10 2.17 20.21
N PHE A 149 -2.83 2.07 19.83
CA PHE A 149 -1.71 2.14 20.79
C PHE A 149 -1.41 3.56 21.24
N VAL A 150 -1.72 4.55 20.40
CA VAL A 150 -1.39 5.96 20.67
C VAL A 150 -2.60 6.87 20.93
N GLU A 151 -3.82 6.38 20.71
CA GLU A 151 -5.07 7.17 20.83
C GLU A 151 -5.17 7.97 22.13
N GLU A 152 -4.94 7.28 23.26
CA GLU A 152 -5.10 7.89 24.59
C GLU A 152 -3.98 8.91 24.90
N ARG A 153 -2.75 8.56 24.51
CA ARG A 153 -1.59 9.45 24.71
C ARG A 153 -1.60 10.69 23.83
N LEU A 154 -2.20 10.60 22.64
CA LEU A 154 -2.28 11.75 21.74
C LEU A 154 -3.23 12.83 22.25
N ARG A 155 -4.40 12.42 22.76
CA ARG A 155 -5.38 13.38 23.30
C ARG A 155 -4.97 13.98 24.65
N ASN A 156 -4.17 13.25 25.43
CA ASN A 156 -3.52 13.79 26.63
C ASN A 156 -2.48 14.87 26.32
N GLY A 157 -1.87 14.80 25.14
CA GLY A 157 -0.68 15.59 24.81
C GLY A 157 0.61 14.91 25.24
N THR A 158 0.54 13.62 25.62
CA THR A 158 1.73 12.83 25.93
C THR A 158 2.59 12.58 24.68
N LEU A 159 1.91 12.41 23.53
CA LEU A 159 2.56 12.24 22.22
C LEU A 159 2.07 13.28 21.23
N ALA A 160 2.76 13.36 20.09
CA ALA A 160 2.36 14.22 18.97
C ALA A 160 2.51 13.48 17.65
N VAL A 161 1.60 13.78 16.72
CA VAL A 161 1.56 13.19 15.38
C VAL A 161 2.45 14.00 14.43
N LEU A 162 3.35 13.32 13.73
CA LEU A 162 4.22 13.95 12.74
C LEU A 162 3.81 13.65 11.28
N SER A 163 2.70 12.92 11.08
CA SER A 163 2.32 12.36 9.77
C SER A 163 0.95 12.78 9.20
N GLU A 164 0.44 13.96 9.58
CA GLU A 164 -0.85 14.44 9.03
C GLU A 164 -0.70 15.18 7.73
N LEU A 165 0.40 15.92 7.57
CA LEU A 165 0.78 16.53 6.30
C LEU A 165 1.12 15.51 5.20
N TYR A 166 1.71 14.37 5.56
CA TYR A 166 2.09 13.34 4.59
C TYR A 166 0.88 12.53 4.14
N GLU A 167 0.08 12.09 5.11
CA GLU A 167 -1.14 11.31 4.85
C GLU A 167 -2.23 11.58 5.91
N PRO A 168 -3.08 12.59 5.68
CA PRO A 168 -4.17 12.93 6.61
C PRO A 168 -5.02 11.71 7.00
N GLY A 169 -5.30 11.58 8.30
CA GLY A 169 -6.07 10.47 8.84
C GLY A 169 -5.24 9.24 9.20
N GLY A 170 -3.92 9.27 8.93
CA GLY A 170 -3.05 8.15 9.24
C GLY A 170 -2.60 7.42 8.00
N ILE A 171 -1.47 6.75 8.10
CA ILE A 171 -0.85 6.04 7.01
C ILE A 171 -1.62 4.74 6.77
N ASP A 172 -2.40 4.70 5.69
CA ASP A 172 -3.23 3.53 5.38
C ASP A 172 -2.39 2.31 5.04
N THR A 173 -2.81 1.16 5.57
CA THR A 173 -2.00 -0.03 5.63
C THR A 173 -2.89 -1.25 5.40
N LYS A 174 -2.57 -2.05 4.39
CA LYS A 174 -3.36 -3.24 4.07
C LYS A 174 -3.14 -4.31 5.12
N VAL A 175 -4.22 -4.94 5.57
CA VAL A 175 -4.17 -6.11 6.43
C VAL A 175 -4.35 -7.33 5.52
N TYR A 176 -3.31 -8.17 5.47
CA TYR A 176 -3.35 -9.40 4.67
C TYR A 176 -3.87 -10.59 5.46
N CYS A 177 -4.55 -11.49 4.77
CA CYS A 177 -4.89 -12.80 5.29
C CYS A 177 -4.08 -13.86 4.53
N TYR A 178 -3.05 -14.42 5.18
CA TYR A 178 -2.30 -15.56 4.63
C TYR A 178 -2.99 -16.82 5.06
N TYR A 179 -3.24 -17.74 4.14
CA TYR A 179 -3.93 -18.97 4.51
C TYR A 179 -3.39 -20.22 3.85
N ASN A 180 -3.63 -21.33 4.55
CA ASN A 180 -3.15 -22.66 4.18
C ASN A 180 -3.73 -23.07 2.84
N THR A 181 -2.93 -23.78 2.06
CA THR A 181 -3.38 -24.32 0.79
C THR A 181 -4.58 -25.27 0.95
N ALA A 182 -4.68 -25.97 2.09
CA ALA A 182 -5.82 -26.86 2.39
C ALA A 182 -7.16 -26.11 2.46
N LEU A 183 -7.13 -24.91 3.02
CA LEU A 183 -8.33 -24.10 3.21
C LEU A 183 -8.94 -23.53 1.91
N GLU A 184 -8.15 -23.47 0.84
CA GLU A 184 -8.61 -22.80 -0.40
C GLU A 184 -9.87 -23.44 -1.01
N SER A 185 -10.02 -24.75 -0.81
CA SER A 185 -11.18 -25.52 -1.31
C SER A 185 -12.43 -25.48 -0.41
N GLU A 186 -12.25 -25.17 0.88
CA GLU A 186 -13.34 -25.28 1.87
C GLU A 186 -14.33 -24.12 1.78
N ARG A 187 -15.62 -24.43 1.72
CA ARG A 187 -16.70 -23.41 1.67
C ARG A 187 -16.77 -22.53 2.93
N SER A 188 -16.45 -23.12 4.09
CA SER A 188 -16.44 -22.41 5.37
C SER A 188 -15.45 -21.26 5.37
N PHE A 189 -14.29 -21.49 4.75
CA PHE A 189 -13.27 -20.45 4.58
C PHE A 189 -13.72 -19.30 3.66
N LEU A 190 -14.35 -19.66 2.55
CA LEU A 190 -14.88 -18.66 1.61
C LEU A 190 -16.01 -17.83 2.23
N ARG A 191 -16.90 -18.51 2.97
CA ARG A 191 -17.94 -17.84 3.77
C ARG A 191 -17.32 -16.88 4.76
N PHE A 192 -16.35 -17.40 5.52
CA PHE A 192 -15.57 -16.60 6.47
C PHE A 192 -15.04 -15.32 5.82
N LEU A 193 -14.43 -15.44 4.63
CA LEU A 193 -13.88 -14.28 3.92
C LEU A 193 -14.95 -13.25 3.57
N GLU A 194 -16.08 -13.72 3.04
CA GLU A 194 -17.17 -12.83 2.65
C GLU A 194 -17.76 -12.10 3.85
N SER A 195 -18.01 -12.84 4.94
CA SER A 195 -18.61 -12.30 6.16
C SER A 195 -17.69 -11.32 6.90
N ALA A 196 -16.43 -11.71 7.08
CA ALA A 196 -15.46 -10.87 7.77
C ALA A 196 -15.23 -9.57 7.00
N ARG A 197 -15.04 -9.68 5.69
CA ARG A 197 -14.82 -8.52 4.84
C ARG A 197 -15.96 -7.51 4.92
N GLN A 198 -17.20 -7.99 4.87
CA GLN A 198 -18.35 -7.09 4.98
C GLN A 198 -18.45 -6.47 6.36
N ARG A 199 -18.23 -7.25 7.42
CA ARG A 199 -18.26 -6.72 8.79
C ARG A 199 -17.14 -5.73 9.07
N LEU A 200 -15.96 -6.00 8.52
CA LEU A 200 -14.82 -5.09 8.65
C LEU A 200 -15.05 -3.75 7.92
N ARG A 201 -15.73 -3.79 6.77
CA ARG A 201 -16.09 -2.57 6.03
C ARG A 201 -17.11 -1.74 6.83
N GLU A 202 -17.97 -2.43 7.59
CA GLU A 202 -18.98 -1.77 8.43
C GLU A 202 -18.38 -1.09 9.69
N LEU A 203 -17.20 -1.51 10.14
CA LEU A 203 -16.49 -0.80 11.22
C LEU A 203 -16.03 0.57 10.73
N ASN B 2 6.52 28.64 -15.76
CA ASN B 2 6.44 28.54 -14.28
C ASN B 2 6.42 27.09 -13.81
N LEU B 3 5.25 26.46 -13.78
CA LEU B 3 5.04 25.22 -13.04
C LEU B 3 4.98 24.00 -13.96
N ARG B 4 6.05 23.21 -14.02
CA ARG B 4 6.04 21.95 -14.77
C ARG B 4 5.53 20.82 -13.88
N VAL B 5 4.50 20.11 -14.33
CA VAL B 5 3.81 19.09 -13.53
C VAL B 5 3.75 17.81 -14.33
N LEU B 6 4.30 16.72 -13.80
CA LEU B 6 4.28 15.43 -14.47
C LEU B 6 3.08 14.66 -13.96
N LEU B 7 2.26 14.19 -14.88
CA LEU B 7 1.13 13.32 -14.53
C LEU B 7 1.43 12.00 -15.18
N ASP B 8 0.99 10.96 -14.52
CA ASP B 8 1.34 9.60 -14.82
C ASP B 8 0.06 9.03 -15.45
N THR B 9 0.19 8.05 -16.34
CA THR B 9 -0.99 7.51 -17.03
C THR B 9 -1.85 6.56 -16.19
N ALA B 10 -1.45 6.24 -14.95
CA ALA B 10 -2.35 5.55 -14.00
C ALA B 10 -3.28 6.49 -13.25
N ILE B 11 -3.06 7.80 -13.37
CA ILE B 11 -3.90 8.83 -12.73
C ILE B 11 -5.16 8.96 -13.61
N PRO B 12 -6.37 8.73 -13.06
CA PRO B 12 -7.60 8.83 -13.86
C PRO B 12 -7.80 10.22 -14.51
N PRO B 13 -8.48 10.30 -15.67
CA PRO B 13 -8.78 11.58 -16.32
C PRO B 13 -9.48 12.59 -15.43
N SER B 14 -10.47 12.11 -14.66
CA SER B 14 -11.15 12.94 -13.66
C SER B 14 -10.19 13.43 -12.57
N PHE B 15 -9.36 12.52 -12.09
CA PHE B 15 -8.28 12.81 -11.12
C PHE B 15 -7.30 13.88 -11.64
N CYS B 16 -7.13 13.94 -12.96
CA CYS B 16 -6.29 14.95 -13.62
C CYS B 16 -6.97 16.30 -13.65
N ASP B 17 -8.25 16.30 -14.00
CA ASP B 17 -9.03 17.54 -14.12
C ASP B 17 -9.33 18.19 -12.77
N THR B 18 -9.45 17.37 -11.72
CA THR B 18 -9.53 17.83 -10.32
C THR B 18 -8.19 18.41 -9.86
N VAL B 19 -7.09 17.80 -10.31
CA VAL B 19 -5.75 18.36 -10.11
C VAL B 19 -5.54 19.61 -11.00
N SER B 20 -6.04 19.55 -12.25
CA SER B 20 -5.87 20.63 -13.21
C SER B 20 -6.52 21.91 -12.72
N SER B 21 -7.79 21.81 -12.37
CA SER B 21 -8.63 22.96 -11.97
C SER B 21 -8.04 23.72 -10.78
N VAL B 22 -7.76 22.99 -9.71
CA VAL B 22 -7.17 23.55 -8.47
C VAL B 22 -5.90 24.38 -8.74
N LEU B 23 -5.05 23.90 -9.65
CA LEU B 23 -3.86 24.65 -10.09
C LEU B 23 -4.18 25.94 -10.84
N LEU B 24 -5.27 25.93 -11.61
CA LEU B 24 -5.71 27.13 -12.38
C LEU B 24 -6.07 28.30 -11.46
N ASP B 25 -6.59 27.97 -10.28
CA ASP B 25 -6.97 28.94 -9.25
C ASP B 25 -5.78 29.70 -8.61
N ASP B 26 -4.54 29.24 -8.81
CA ASP B 26 -3.35 29.81 -8.14
C ASP B 26 -2.15 30.26 -9.01
N PHE B 27 -1.99 29.74 -10.23
CA PHE B 27 -0.65 29.73 -10.88
C PHE B 27 -0.43 30.42 -12.25
N ASN B 28 -1.50 30.80 -12.94
CA ASN B 28 -1.40 31.33 -14.32
C ASN B 28 -0.77 30.37 -15.34
N MET B 29 0.57 30.31 -15.44
CA MET B 29 1.25 29.41 -16.41
C MET B 29 1.44 28.00 -15.81
N VAL B 30 1.02 26.97 -16.54
CA VAL B 30 1.14 25.55 -16.10
C VAL B 30 1.42 24.59 -17.27
N SER B 31 2.47 23.79 -17.16
CA SER B 31 2.79 22.72 -18.10
C SER B 31 2.41 21.35 -17.52
N LEU B 32 1.66 20.56 -18.28
CA LEU B 32 1.29 19.20 -17.89
C LEU B 32 2.03 18.21 -18.79
N ILE B 33 2.66 17.20 -18.19
CA ILE B 33 3.48 16.22 -18.93
C ILE B 33 3.05 14.81 -18.55
N ARG B 34 2.95 13.95 -19.55
CA ARG B 34 2.43 12.60 -19.38
C ARG B 34 3.56 11.60 -19.52
N THR B 35 3.64 10.64 -18.61
CA THR B 35 4.51 9.47 -18.81
C THR B 35 3.84 8.18 -18.35
N SER B 36 4.47 7.08 -18.71
CA SER B 36 4.23 5.80 -18.06
C SER B 36 4.56 5.90 -16.56
N PRO B 37 3.84 5.14 -15.70
CA PRO B 37 4.26 5.04 -14.28
C PRO B 37 5.68 4.46 -14.08
N ALA B 38 6.12 3.62 -15.01
CA ALA B 38 7.47 3.05 -14.98
C ALA B 38 8.57 4.05 -15.35
N ASP B 39 8.21 5.20 -15.93
CA ASP B 39 9.18 6.25 -16.29
C ASP B 39 9.03 7.57 -15.52
N SER B 40 8.09 7.63 -14.57
CA SER B 40 7.74 8.90 -13.94
C SER B 40 8.84 9.40 -13.01
N LEU B 41 9.30 8.52 -12.13
CA LEU B 41 10.36 8.86 -11.17
C LEU B 41 11.73 8.99 -11.81
N ALA B 42 12.03 8.28 -12.89
CA ALA B 42 13.26 8.52 -13.67
C ALA B 42 13.24 9.90 -14.35
N THR B 43 12.06 10.36 -14.73
CA THR B 43 11.90 11.63 -15.43
C THR B 43 12.19 12.81 -14.49
N ILE B 44 11.66 12.78 -13.28
CA ILE B 44 11.86 13.90 -12.34
C ILE B 44 13.30 14.00 -11.84
N LYS B 45 13.93 12.83 -11.65
CA LYS B 45 15.34 12.72 -11.22
C LYS B 45 16.35 13.37 -12.15
N GLN B 46 16.03 13.47 -13.44
CA GLN B 46 16.83 14.26 -14.37
C GLN B 46 16.76 15.73 -13.99
N ASP B 47 17.91 16.37 -13.76
CA ASP B 47 17.96 17.82 -13.45
C ASP B 47 17.42 18.63 -14.62
N ASN B 48 17.96 18.37 -15.81
CA ASN B 48 17.55 19.07 -17.03
C ASN B 48 16.06 19.00 -17.42
N ALA B 49 15.31 18.06 -16.81
CA ALA B 49 13.85 18.01 -16.96
C ALA B 49 13.11 19.12 -16.21
N GLU B 50 13.69 19.60 -15.11
CA GLU B 50 13.13 20.70 -14.30
C GLU B 50 11.63 20.53 -13.99
N ILE B 51 11.30 19.44 -13.32
CA ILE B 51 9.91 19.13 -12.98
C ILE B 51 9.65 19.45 -11.51
N ASP B 52 8.60 20.22 -11.26
CA ASP B 52 8.29 20.75 -9.94
C ASP B 52 7.45 19.81 -9.10
N ILE B 53 6.44 19.19 -9.72
CA ILE B 53 5.49 18.29 -9.08
C ILE B 53 5.37 17.02 -9.94
N ALA B 54 5.14 15.88 -9.29
CA ALA B 54 4.95 14.62 -9.99
C ALA B 54 3.86 13.84 -9.29
N ILE B 55 2.79 13.55 -10.02
CA ILE B 55 1.66 12.82 -9.48
C ILE B 55 1.67 11.45 -10.12
N THR B 56 2.13 10.46 -9.36
CA THR B 56 2.29 9.10 -9.83
C THR B 56 2.01 8.06 -8.76
N ILE B 57 1.83 6.82 -9.22
CA ILE B 57 1.62 5.67 -8.35
C ILE B 57 2.92 4.98 -7.92
N ASP B 58 4.03 5.31 -8.57
CA ASP B 58 5.30 4.64 -8.27
C ASP B 58 5.84 5.15 -6.94
N GLU B 59 6.47 4.26 -6.17
CA GLU B 59 6.90 4.60 -4.81
C GLU B 59 8.42 4.50 -4.60
N GLU B 60 8.96 5.44 -3.84
CA GLU B 60 10.35 5.43 -3.37
C GLU B 60 10.49 6.11 -1.99
N LEU B 61 11.59 5.79 -1.30
CA LEU B 61 11.93 6.39 0.02
C LEU B 61 12.69 7.75 -0.14
N LYS B 62 13.97 7.81 0.22
CA LYS B 62 14.70 9.08 0.35
C LYS B 62 15.23 9.59 -1.00
N ILE B 63 14.46 10.47 -1.65
CA ILE B 63 14.83 11.03 -2.97
C ILE B 63 15.60 12.35 -2.80
N SER B 64 16.52 12.61 -3.73
CA SER B 64 17.30 13.85 -3.75
C SER B 64 16.39 15.02 -4.09
N ARG B 65 16.46 16.09 -3.29
CA ARG B 65 15.72 17.35 -3.51
C ARG B 65 14.18 17.26 -3.69
N PHE B 66 13.57 16.12 -3.29
CA PHE B 66 12.14 15.82 -3.55
C PHE B 66 11.38 15.30 -2.32
N ASN B 67 10.39 16.07 -1.88
CA ASN B 67 9.47 15.67 -0.80
C ASN B 67 8.36 14.77 -1.34
N GLN B 68 7.62 14.14 -0.45
CA GLN B 68 6.66 13.09 -0.81
C GLN B 68 5.40 13.18 0.07
N CYS B 69 4.22 13.00 -0.53
CA CYS B 69 2.99 12.88 0.25
C CYS B 69 1.89 12.11 -0.48
N VAL B 70 0.94 11.58 0.29
CA VAL B 70 -0.17 10.76 -0.24
C VAL B 70 -1.35 11.64 -0.61
N LEU B 71 -1.64 11.74 -1.91
CA LEU B 71 -2.65 12.66 -2.44
C LEU B 71 -4.05 12.01 -2.40
N GLY B 72 -4.08 10.71 -2.69
CA GLY B 72 -5.25 9.89 -2.44
C GLY B 72 -5.04 8.46 -2.91
N TYR B 73 -6.15 7.79 -3.21
CA TYR B 73 -6.13 6.38 -3.55
C TYR B 73 -6.90 6.15 -4.86
N THR B 74 -6.51 5.11 -5.58
CA THR B 74 -7.18 4.70 -6.83
C THR B 74 -7.08 3.19 -7.01
N LYS B 75 -7.92 2.63 -7.89
CA LYS B 75 -8.06 1.16 -8.03
C LYS B 75 -7.48 0.66 -9.34
N ALA B 76 -6.82 -0.50 -9.26
CA ALA B 76 -6.34 -1.25 -10.43
C ALA B 76 -7.03 -2.60 -10.43
N PHE B 77 -7.06 -3.26 -11.59
CA PHE B 77 -7.66 -4.59 -11.71
C PHE B 77 -6.76 -5.54 -12.49
N VAL B 78 -6.58 -6.76 -11.98
CA VAL B 78 -5.87 -7.82 -12.71
C VAL B 78 -6.85 -8.42 -13.70
N VAL B 79 -6.51 -8.34 -15.01
CA VAL B 79 -7.43 -8.74 -16.10
C VAL B 79 -6.85 -9.72 -17.12
N ALA B 80 -7.77 -10.40 -17.83
CA ALA B 80 -7.45 -11.35 -18.89
C ALA B 80 -8.70 -11.64 -19.72
N HIS B 81 -8.49 -12.19 -20.92
CA HIS B 81 -9.60 -12.61 -21.80
C HIS B 81 -10.50 -13.62 -21.06
N PRO B 82 -11.84 -13.50 -21.16
CA PRO B 82 -12.76 -14.40 -20.42
C PRO B 82 -12.54 -15.90 -20.60
N GLN B 83 -12.08 -16.30 -21.78
CA GLN B 83 -11.76 -17.71 -22.07
C GLN B 83 -10.29 -18.10 -21.80
N HIS B 84 -9.54 -17.22 -21.13
CA HIS B 84 -8.16 -17.53 -20.70
C HIS B 84 -8.23 -18.49 -19.51
N PRO B 85 -7.33 -19.51 -19.47
CA PRO B 85 -7.37 -20.55 -18.42
C PRO B 85 -7.47 -20.09 -16.96
N LEU B 86 -6.93 -18.91 -16.64
CA LEU B 86 -7.03 -18.33 -15.29
C LEU B 86 -8.46 -18.07 -14.83
N CYS B 87 -9.33 -17.67 -15.77
CA CYS B 87 -10.76 -17.47 -15.46
C CYS B 87 -11.46 -18.76 -15.07
N ASN B 88 -11.24 -19.80 -15.87
CA ASN B 88 -11.91 -21.09 -15.68
C ASN B 88 -11.24 -21.88 -14.56
N ALA B 89 -11.13 -21.23 -13.39
CA ALA B 89 -10.25 -21.68 -12.30
C ALA B 89 -10.29 -20.67 -11.15
N SER B 90 -10.12 -21.17 -9.93
CA SER B 90 -9.97 -20.32 -8.74
C SER B 90 -8.52 -19.83 -8.65
N LEU B 91 -8.33 -18.60 -8.17
CA LEU B 91 -7.02 -17.92 -8.22
C LEU B 91 -6.58 -17.42 -6.84
N HIS B 92 -6.00 -18.35 -6.07
CA HIS B 92 -5.67 -18.11 -4.65
C HIS B 92 -4.29 -17.52 -4.38
N SER B 93 -3.37 -17.62 -5.34
CA SER B 93 -1.97 -17.23 -5.12
C SER B 93 -1.43 -16.35 -6.24
N ILE B 94 -0.30 -15.72 -5.91
CA ILE B 94 0.53 -15.02 -6.88
C ILE B 94 1.31 -16.02 -7.75
N ALA B 95 1.64 -17.19 -7.19
CA ALA B 95 2.36 -18.25 -7.89
C ALA B 95 1.51 -19.02 -8.92
N SER B 96 0.19 -18.85 -8.85
CA SER B 96 -0.71 -19.38 -9.87
C SER B 96 -0.68 -18.50 -11.11
N LEU B 97 -0.67 -17.18 -10.91
CA LEU B 97 -0.47 -16.22 -12.01
C LEU B 97 0.91 -16.32 -12.65
N ALA B 98 1.92 -16.64 -11.84
CA ALA B 98 3.31 -16.75 -12.31
C ALA B 98 3.59 -17.89 -13.32
N ASN B 99 2.68 -18.86 -13.43
CA ASN B 99 2.77 -19.91 -14.45
C ASN B 99 2.43 -19.38 -15.85
N TYR B 100 1.57 -18.37 -15.91
CA TYR B 100 1.14 -17.75 -17.16
C TYR B 100 1.88 -16.43 -17.36
N ARG B 101 1.74 -15.90 -18.58
CA ARG B 101 2.54 -14.76 -19.05
C ARG B 101 1.94 -13.42 -18.62
N GLN B 102 2.80 -12.49 -18.17
CA GLN B 102 2.38 -11.14 -17.75
C GLN B 102 2.72 -10.10 -18.80
N ILE B 103 1.76 -9.24 -19.11
CA ILE B 103 1.99 -8.10 -20.01
C ILE B 103 2.18 -6.88 -19.11
N SER B 104 3.43 -6.46 -18.97
CA SER B 104 3.81 -5.36 -18.07
C SER B 104 4.34 -4.18 -18.87
N LEU B 105 4.25 -3.00 -18.28
CA LEU B 105 4.93 -1.81 -18.80
C LEU B 105 6.44 -1.97 -18.61
N GLY B 106 7.19 -1.72 -19.68
CA GLY B 106 8.64 -1.64 -19.61
C GLY B 106 9.05 -0.22 -19.30
N SER B 107 10.24 -0.05 -18.73
CA SER B 107 10.82 1.27 -18.45
C SER B 107 11.98 1.54 -19.41
N ARG B 108 12.29 2.81 -19.61
CA ARG B 108 13.45 3.22 -20.40
C ARG B 108 14.78 2.82 -19.74
N SER B 109 14.79 2.71 -18.41
CA SER B 109 15.98 2.31 -17.63
C SER B 109 16.26 0.80 -17.67
N GLY B 110 15.21 -0.02 -17.70
CA GLY B 110 15.33 -1.48 -17.62
C GLY B 110 14.95 -2.06 -16.27
N GLN B 111 15.08 -1.25 -15.21
CA GLN B 111 14.73 -1.65 -13.84
C GLN B 111 13.36 -1.12 -13.44
N HIS B 112 12.80 -1.70 -12.38
CA HIS B 112 11.49 -1.31 -11.82
C HIS B 112 11.56 -1.25 -10.32
N SER B 113 10.60 -0.55 -9.71
CA SER B 113 10.47 -0.51 -8.26
C SER B 113 9.79 -1.80 -7.76
N ASN B 114 9.82 -1.99 -6.45
CA ASN B 114 9.12 -3.11 -5.82
C ASN B 114 7.67 -3.20 -6.27
N LEU B 115 6.98 -2.07 -6.34
CA LEU B 115 5.56 -2.00 -6.72
C LEU B 115 5.27 -2.42 -8.15
N LEU B 116 6.12 -2.05 -9.10
CA LEU B 116 5.83 -2.23 -10.52
C LEU B 116 6.59 -3.37 -11.20
N ARG B 117 7.50 -4.01 -10.47
CA ARG B 117 8.27 -5.13 -11.02
C ARG B 117 7.31 -6.27 -11.44
N PRO B 118 7.51 -6.88 -12.62
CA PRO B 118 6.66 -8.01 -12.96
C PRO B 118 6.75 -9.10 -11.91
N VAL B 119 5.60 -9.70 -11.65
CA VAL B 119 5.51 -10.75 -10.66
C VAL B 119 5.68 -12.16 -11.28
N SER B 120 5.88 -12.24 -12.59
CA SER B 120 5.88 -13.51 -13.33
C SER B 120 7.26 -13.84 -13.91
N ASP B 121 7.50 -15.13 -14.12
CA ASP B 121 8.71 -15.59 -14.81
C ASP B 121 8.58 -15.27 -16.31
N LYS B 122 7.44 -15.65 -16.87
CA LYS B 122 7.09 -15.35 -18.26
C LYS B 122 6.56 -13.91 -18.37
N VAL B 123 7.32 -13.02 -19.00
CA VAL B 123 6.98 -11.59 -19.07
C VAL B 123 7.16 -11.07 -20.49
N LEU B 124 6.22 -10.22 -20.92
CA LEU B 124 6.32 -9.53 -22.19
C LEU B 124 6.09 -8.04 -21.93
N PHE B 125 7.06 -7.21 -22.32
CA PHE B 125 7.02 -5.77 -21.99
C PHE B 125 6.39 -4.95 -23.11
N VAL B 126 5.57 -3.96 -22.73
CA VAL B 126 4.99 -2.97 -23.66
C VAL B 126 5.22 -1.57 -23.11
N GLU B 127 4.85 -0.54 -23.86
CA GLU B 127 5.16 0.85 -23.47
C GLU B 127 3.97 1.70 -22.95
N ASN B 128 2.74 1.22 -23.14
CA ASN B 128 1.57 1.89 -22.56
C ASN B 128 0.46 0.88 -22.27
N PHE B 129 -0.53 1.33 -21.50
CA PHE B 129 -1.68 0.48 -21.15
C PHE B 129 -2.56 0.13 -22.38
N ASP B 130 -2.53 0.96 -23.41
CA ASP B 130 -3.23 0.65 -24.68
C ASP B 130 -2.68 -0.63 -25.30
N ASP B 131 -1.35 -0.66 -25.49
CA ASP B 131 -0.64 -1.83 -25.99
C ASP B 131 -0.86 -3.06 -25.12
N MET B 132 -0.78 -2.88 -23.80
CA MET B 132 -0.98 -3.98 -22.87
C MET B 132 -2.32 -4.66 -23.09
N LEU B 133 -3.37 -3.86 -23.16
CA LEU B 133 -4.73 -4.39 -23.19
C LEU B 133 -5.12 -4.96 -24.55
N ARG B 134 -4.51 -4.47 -25.63
CA ARG B 134 -4.66 -5.07 -26.94
C ARG B 134 -4.18 -6.51 -26.94
N LEU B 135 -3.00 -6.74 -26.36
CA LEU B 135 -2.46 -8.10 -26.21
C LEU B 135 -3.35 -8.97 -25.33
N VAL B 136 -3.85 -8.41 -24.23
CA VAL B 136 -4.64 -9.13 -23.24
C VAL B 136 -6.04 -9.48 -23.79
N GLU B 137 -6.71 -8.51 -24.41
CA GLU B 137 -7.96 -8.73 -25.16
C GLU B 137 -7.85 -9.91 -26.12
N ALA B 138 -6.75 -9.94 -26.87
CA ALA B 138 -6.48 -10.97 -27.87
C ALA B 138 -6.15 -12.34 -27.27
N GLY B 139 -5.95 -12.40 -25.95
CA GLY B 139 -5.81 -13.66 -25.23
C GLY B 139 -4.39 -14.08 -24.94
N VAL B 140 -3.47 -13.11 -24.97
CA VAL B 140 -2.03 -13.42 -24.96
C VAL B 140 -1.54 -13.60 -23.53
N GLY B 141 -1.83 -12.63 -22.66
CA GLY B 141 -1.41 -12.76 -21.25
C GLY B 141 -2.42 -12.22 -20.24
N TRP B 142 -1.92 -11.92 -19.05
CA TRP B 142 -2.68 -11.16 -18.06
C TRP B 142 -1.94 -9.86 -17.76
N GLY B 143 -2.68 -8.89 -17.25
CA GLY B 143 -2.13 -7.57 -16.94
C GLY B 143 -2.88 -6.91 -15.81
N ILE B 144 -2.21 -5.95 -15.16
CA ILE B 144 -2.84 -5.12 -14.13
C ILE B 144 -2.88 -3.71 -14.69
N ALA B 145 -4.06 -3.13 -14.74
CA ALA B 145 -4.27 -1.81 -15.32
C ALA B 145 -5.28 -0.99 -14.54
N PRO B 146 -5.26 0.36 -14.68
CA PRO B 146 -6.23 1.20 -14.01
C PRO B 146 -7.69 0.90 -14.38
N HIS B 147 -8.58 1.22 -13.44
CA HIS B 147 -10.00 1.04 -13.63
C HIS B 147 -10.49 1.73 -14.91
N TYR B 148 -10.09 2.98 -15.14
CA TYR B 148 -10.60 3.75 -16.31
C TYR B 148 -10.20 3.17 -17.67
N PHE B 149 -9.09 2.45 -17.72
CA PHE B 149 -8.65 1.77 -18.95
C PHE B 149 -9.43 0.50 -19.27
N VAL B 150 -10.02 -0.15 -18.26
CA VAL B 150 -10.68 -1.44 -18.42
C VAL B 150 -12.18 -1.41 -18.11
N GLU B 151 -12.72 -0.23 -17.81
CA GLU B 151 -14.10 -0.05 -17.36
C GLU B 151 -15.13 -0.52 -18.41
N GLU B 152 -15.04 0.07 -19.60
CA GLU B 152 -15.98 -0.24 -20.70
C GLU B 152 -15.96 -1.71 -21.11
N ARG B 153 -14.76 -2.29 -21.20
CA ARG B 153 -14.60 -3.69 -21.61
C ARG B 153 -15.03 -4.75 -20.59
N LEU B 154 -15.04 -4.39 -19.30
CA LEU B 154 -15.61 -5.28 -18.28
C LEU B 154 -17.15 -5.33 -18.36
N ARG B 155 -17.78 -4.23 -18.78
CA ARG B 155 -19.22 -4.22 -19.07
C ARG B 155 -19.54 -4.98 -20.35
N ASN B 156 -18.76 -4.74 -21.41
CA ASN B 156 -18.89 -5.47 -22.68
C ASN B 156 -18.64 -6.99 -22.58
N GLY B 157 -17.90 -7.42 -21.55
CA GLY B 157 -17.47 -8.81 -21.45
C GLY B 157 -16.30 -9.12 -22.38
N THR B 158 -15.57 -8.08 -22.78
CA THR B 158 -14.34 -8.25 -23.58
C THR B 158 -13.16 -8.70 -22.68
N LEU B 159 -13.24 -8.37 -21.39
CA LEU B 159 -12.28 -8.81 -20.38
C LEU B 159 -13.00 -9.33 -19.16
N ALA B 160 -12.30 -10.17 -18.39
CA ALA B 160 -12.73 -10.64 -17.08
C ALA B 160 -11.77 -10.11 -16.01
N VAL B 161 -12.28 -9.91 -14.80
CA VAL B 161 -11.44 -9.55 -13.65
C VAL B 161 -10.91 -10.82 -13.00
N LEU B 162 -9.64 -10.80 -12.60
CA LEU B 162 -9.00 -11.92 -11.90
C LEU B 162 -8.65 -11.64 -10.44
N SER B 163 -8.72 -10.37 -10.02
CA SER B 163 -8.23 -9.93 -8.71
C SER B 163 -9.31 -9.89 -7.60
N GLU B 164 -10.51 -10.42 -7.87
CA GLU B 164 -11.69 -10.08 -7.07
C GLU B 164 -11.80 -10.86 -5.76
N LEU B 165 -11.27 -12.08 -5.71
CA LEU B 165 -11.04 -12.78 -4.44
C LEU B 165 -9.79 -12.25 -3.69
N TYR B 166 -8.84 -11.64 -4.38
CA TYR B 166 -7.64 -11.11 -3.74
C TYR B 166 -7.99 -9.83 -2.97
N GLU B 167 -8.49 -8.83 -3.69
CA GLU B 167 -8.94 -7.56 -3.09
C GLU B 167 -10.22 -7.07 -3.78
N PRO B 168 -11.40 -7.46 -3.24
CA PRO B 168 -12.69 -7.00 -3.81
C PRO B 168 -12.77 -5.47 -3.98
N GLY B 169 -13.36 -5.02 -5.07
CA GLY B 169 -13.48 -3.59 -5.38
C GLY B 169 -12.30 -3.04 -6.16
N GLY B 170 -11.28 -3.86 -6.39
CA GLY B 170 -10.06 -3.43 -7.05
C GLY B 170 -8.89 -3.38 -6.10
N ILE B 171 -7.71 -3.28 -6.67
CA ILE B 171 -6.46 -3.25 -5.91
C ILE B 171 -6.15 -1.80 -5.59
N ASP B 172 -6.37 -1.44 -4.33
CA ASP B 172 -6.21 -0.06 -3.83
C ASP B 172 -4.75 0.34 -3.90
N THR B 173 -4.51 1.55 -4.39
CA THR B 173 -3.19 1.99 -4.80
C THR B 173 -3.01 3.44 -4.38
N LYS B 174 -1.93 3.72 -3.65
CA LYS B 174 -1.64 5.09 -3.21
C LYS B 174 -1.18 5.95 -4.39
N VAL B 175 -1.77 7.13 -4.49
CA VAL B 175 -1.36 8.12 -5.49
C VAL B 175 -0.50 9.10 -4.74
N TYR B 176 0.79 9.13 -5.06
CA TYR B 176 1.72 10.03 -4.40
C TYR B 176 1.82 11.33 -5.14
N CYS B 177 2.21 12.36 -4.40
CA CYS B 177 2.64 13.60 -4.96
C CYS B 177 4.07 13.79 -4.48
N TYR B 178 5.01 13.85 -5.43
CA TYR B 178 6.40 14.16 -5.16
C TYR B 178 6.57 15.57 -5.57
N TYR B 179 7.18 16.40 -4.74
CA TYR B 179 7.35 17.81 -5.08
C TYR B 179 8.69 18.39 -4.70
N ASN B 180 9.09 19.41 -5.47
CA ASN B 180 10.32 20.14 -5.27
C ASN B 180 10.27 20.84 -3.92
N THR B 181 11.41 20.90 -3.24
CA THR B 181 11.45 21.40 -1.88
C THR B 181 11.18 22.91 -1.76
N ALA B 182 11.42 23.66 -2.83
CA ALA B 182 11.01 25.07 -2.90
C ALA B 182 9.51 25.26 -2.60
N LEU B 183 8.68 24.32 -3.07
CA LEU B 183 7.22 24.38 -2.88
C LEU B 183 6.70 24.10 -1.45
N GLU B 184 7.57 23.71 -0.52
CA GLU B 184 7.22 23.61 0.91
C GLU B 184 6.52 24.86 1.46
N SER B 185 7.12 26.02 1.18
CA SER B 185 6.70 27.28 1.76
C SER B 185 5.37 27.79 1.18
N GLU B 186 5.24 27.74 -0.14
CA GLU B 186 4.16 28.41 -0.88
C GLU B 186 2.74 28.05 -0.37
N ARG B 187 2.03 29.07 0.11
CA ARG B 187 0.62 28.94 0.52
C ARG B 187 -0.28 28.41 -0.62
N SER B 188 0.03 28.83 -1.86
CA SER B 188 -0.63 28.32 -3.07
C SER B 188 -0.52 26.79 -3.24
N PHE B 189 0.61 26.22 -2.84
CA PHE B 189 0.85 24.77 -2.95
C PHE B 189 0.13 23.96 -1.87
N LEU B 190 0.21 24.42 -0.62
CA LEU B 190 -0.58 23.83 0.46
C LEU B 190 -2.08 23.90 0.16
N ARG B 191 -2.54 25.06 -0.35
CA ARG B 191 -3.92 25.19 -0.85
C ARG B 191 -4.22 24.16 -1.93
N PHE B 192 -3.27 23.97 -2.85
CA PHE B 192 -3.39 22.96 -3.90
C PHE B 192 -3.56 21.57 -3.29
N LEU B 193 -2.60 21.19 -2.46
CA LEU B 193 -2.66 19.95 -1.66
C LEU B 193 -3.99 19.75 -0.94
N GLU B 194 -4.40 20.76 -0.19
CA GLU B 194 -5.62 20.69 0.61
C GLU B 194 -6.85 20.49 -0.29
N SER B 195 -6.98 21.31 -1.31
CA SER B 195 -8.13 21.27 -2.22
C SER B 195 -8.10 20.10 -3.20
N ALA B 196 -6.90 19.66 -3.60
CA ALA B 196 -6.79 18.45 -4.41
C ALA B 196 -7.28 17.25 -3.59
N ARG B 197 -6.69 17.04 -2.43
CA ARG B 197 -7.13 15.97 -1.52
C ARG B 197 -8.63 16.01 -1.25
N GLN B 198 -9.10 17.15 -0.72
CA GLN B 198 -10.50 17.34 -0.33
C GLN B 198 -11.44 16.91 -1.46
N ARG B 199 -11.09 17.28 -2.68
CA ARG B 199 -11.88 16.91 -3.85
C ARG B 199 -11.66 15.48 -4.29
N LEU B 200 -10.43 14.98 -4.20
CA LEU B 200 -10.13 13.58 -4.59
C LEU B 200 -10.80 12.54 -3.67
N ARG B 201 -11.01 12.89 -2.40
CA ARG B 201 -11.86 12.11 -1.49
C ARG B 201 -13.28 12.02 -2.01
N GLU B 202 -13.82 13.17 -2.44
CA GLU B 202 -15.23 13.30 -2.83
C GLU B 202 -15.62 12.64 -4.18
N LEU B 203 -14.64 12.22 -4.98
CA LEU B 203 -14.92 11.45 -6.20
C LEU B 203 -15.40 10.06 -5.83
#